data_1LF2
#
_entry.id   1LF2
#
_cell.length_a   75.890
_cell.length_b   84.830
_cell.length_c   123.080
_cell.angle_alpha   90.00
_cell.angle_beta   90.00
_cell.angle_gamma   90.00
#
_symmetry.space_group_name_H-M   'I 2 2 2'
#
loop_
_entity.id
_entity.type
_entity.pdbx_description
1 polymer 'Plasmepsin 2'
2 non-polymer 3-AMINO-N-{4-[2-(2,6-DIMETHYL-PHENOXY)-ACETYLAMINO]-3-HYDROXY-1-ISOBUTYL-5-PHENYL-PENTYL}-BENZAMIDE
3 water water
#
_entity_poly.entity_id   1
_entity_poly.type   'polypeptide(L)'
_entity_poly.pdbx_seq_one_letter_code
;LGSSNDNIELVDFQNIMFYGDAEVGDNQQPFTFILDTGSANLWVPSVKCTTAGCLTKHLYDSSKSRTYEKDGTKVEMNYV
SGTVSGFFSKDLVTVGNLSLPYKFIEVIDTNGFEPTYTASTFDGILGLGWKDLSIGSVDPIVVELKNQNKIENALFTFYL
PVHDKHTGFLTIGGIEERFYEGPLTYEKLNHDLYWQITLDAHVGNISLEKANCIVDSGTSAITVPTDFLNKMLQNLDVIK
VPFLPFYVTLCNNSKLPTFEFTSENGKYTLEPEYYLQHIEDVGPGLCMLNIIGLDFPVPTFILGDPFMRKYFTVFDYDNH
SVGIALAKKNL
;
_entity_poly.pdbx_strand_id   A
#
# COMPACT_ATOMS: atom_id res chain seq x y z
N SER A 3 16.36 -1.14 -20.60
CA SER A 3 15.75 -0.62 -19.37
C SER A 3 14.47 0.22 -19.50
N SER A 4 14.64 1.54 -19.47
CA SER A 4 13.57 2.54 -19.51
C SER A 4 12.93 2.51 -18.11
N ASN A 5 11.61 2.34 -18.09
CA ASN A 5 10.81 2.28 -16.86
C ASN A 5 10.48 3.66 -16.32
N ASP A 6 9.29 3.73 -15.77
CA ASP A 6 8.74 4.94 -15.24
C ASP A 6 8.96 4.94 -13.74
N ASN A 7 9.94 5.71 -13.24
CA ASN A 7 10.18 5.76 -11.83
C ASN A 7 9.52 6.95 -11.16
N ILE A 8 8.72 6.67 -10.13
CA ILE A 8 8.00 7.65 -9.31
C ILE A 8 8.58 7.58 -7.89
N GLU A 9 9.21 8.66 -7.43
CA GLU A 9 9.84 8.69 -6.11
C GLU A 9 8.82 8.65 -4.99
N LEU A 10 9.15 7.89 -3.96
CA LEU A 10 8.28 7.73 -2.82
C LEU A 10 8.90 8.56 -1.72
N VAL A 11 8.05 9.20 -0.96
CA VAL A 11 8.39 10.11 0.15
C VAL A 11 7.97 9.38 1.42
N ASP A 12 8.87 9.28 2.40
CA ASP A 12 8.60 8.62 3.67
C ASP A 12 8.06 9.54 4.77
N PHE A 13 7.16 9.00 5.58
CA PHE A 13 6.72 9.73 6.73
C PHE A 13 6.98 8.85 7.96
N GLN A 14 8.10 9.11 8.63
CA GLN A 14 8.53 8.42 9.87
C GLN A 14 8.46 6.89 9.90
N ASN A 15 8.44 6.22 8.73
CA ASN A 15 8.34 4.74 8.62
C ASN A 15 6.93 4.25 8.87
N ILE A 16 6.02 5.19 8.89
CA ILE A 16 4.65 4.84 9.13
C ILE A 16 4.00 4.77 7.74
N MET A 17 4.11 5.87 7.02
CA MET A 17 3.49 6.00 5.71
C MET A 17 4.48 6.52 4.72
N PHE A 18 4.16 6.37 3.44
CA PHE A 18 4.99 6.91 2.37
C PHE A 18 3.99 7.38 1.31
N TYR A 19 4.36 8.40 0.54
CA TYR A 19 3.48 8.93 -0.52
C TYR A 19 4.21 9.12 -1.85
N GLY A 20 3.43 9.28 -2.91
CA GLY A 20 3.97 9.54 -4.23
C GLY A 20 3.03 10.48 -4.94
N ASP A 21 3.61 11.28 -5.84
CA ASP A 21 2.89 12.29 -6.64
C ASP A 21 2.47 11.86 -8.03
N ALA A 22 1.30 12.33 -8.47
CA ALA A 22 0.79 12.08 -9.84
C ALA A 22 0.01 13.35 -10.21
N GLU A 23 -0.39 13.49 -11.48
CA GLU A 23 -1.09 14.69 -11.88
C GLU A 23 -2.25 14.32 -12.69
N VAL A 24 -3.25 15.21 -12.70
CA VAL A 24 -4.50 15.01 -13.43
C VAL A 24 -4.75 16.30 -14.28
N GLY A 25 -5.28 16.10 -15.47
CA GLY A 25 -5.57 17.18 -16.39
C GLY A 25 -4.48 17.38 -17.44
N ASP A 26 -4.82 17.83 -18.64
CA ASP A 26 -3.74 18.07 -19.59
C ASP A 26 -2.82 19.16 -19.06
N ASN A 27 -3.26 19.87 -18.01
CA ASN A 27 -2.41 20.89 -17.39
C ASN A 27 -1.64 20.31 -16.21
N GLN A 28 -1.78 19.02 -15.99
CA GLN A 28 -1.01 18.35 -14.97
C GLN A 28 -1.03 19.00 -13.58
N GLN A 29 -2.24 19.11 -13.02
CA GLN A 29 -2.45 19.70 -11.67
C GLN A 29 -1.91 18.62 -10.72
N PRO A 30 -1.02 19.00 -9.83
CA PRO A 30 -0.40 18.08 -8.89
C PRO A 30 -1.16 17.65 -7.61
N PHE A 31 -1.00 16.37 -7.24
CA PHE A 31 -1.63 15.79 -6.05
C PHE A 31 -0.68 14.77 -5.42
N THR A 32 -0.77 14.61 -4.09
CA THR A 32 0.04 13.67 -3.31
C THR A 32 -0.94 12.52 -2.97
N PHE A 33 -0.51 11.29 -3.26
CA PHE A 33 -1.32 10.10 -3.09
C PHE A 33 -0.79 9.01 -2.18
N ILE A 34 -1.72 8.19 -1.73
CA ILE A 34 -1.37 6.96 -1.00
C ILE A 34 -1.34 6.06 -2.25
N LEU A 35 -0.23 5.36 -2.52
CA LEU A 35 -0.14 4.43 -3.67
C LEU A 35 -0.51 3.07 -3.01
N ASP A 36 -1.71 2.61 -3.32
CA ASP A 36 -2.33 1.49 -2.68
C ASP A 36 -2.60 0.21 -3.46
N THR A 37 -1.74 -0.80 -3.27
CA THR A 37 -1.95 -2.12 -3.90
C THR A 37 -3.19 -2.83 -3.33
N GLY A 38 -3.83 -2.25 -2.30
CA GLY A 38 -5.02 -2.85 -1.71
C GLY A 38 -6.36 -2.26 -2.13
N SER A 39 -6.38 -1.42 -3.17
CA SER A 39 -7.65 -0.89 -3.72
C SER A 39 -7.39 -0.70 -5.23
N ALA A 40 -8.43 -0.37 -5.99
CA ALA A 40 -8.29 -0.22 -7.45
C ALA A 40 -8.91 1.03 -8.12
N ASN A 41 -9.04 2.14 -7.37
CA ASN A 41 -9.60 3.42 -7.89
C ASN A 41 -8.70 4.58 -7.56
N LEU A 42 -8.74 5.59 -8.41
CA LEU A 42 -7.95 6.79 -8.20
C LEU A 42 -9.03 7.79 -7.86
N TRP A 43 -8.73 8.67 -6.92
CA TRP A 43 -9.67 9.74 -6.58
C TRP A 43 -8.88 10.91 -6.12
N VAL A 44 -9.35 12.11 -6.47
CA VAL A 44 -8.69 13.34 -6.06
C VAL A 44 -9.86 14.27 -5.60
N PRO A 45 -9.62 15.14 -4.60
CA PRO A 45 -10.68 16.05 -4.13
C PRO A 45 -10.96 17.16 -5.18
N SER A 46 -12.21 17.35 -5.51
CA SER A 46 -12.59 18.36 -6.47
C SER A 46 -12.52 19.77 -5.90
N VAL A 47 -12.55 20.72 -6.82
CA VAL A 47 -12.55 22.14 -6.46
C VAL A 47 -13.99 22.42 -5.87
N LYS A 48 -14.96 21.59 -6.26
CA LYS A 48 -16.33 21.69 -5.76
C LYS A 48 -16.49 20.99 -4.38
N CYS A 49 -15.38 20.79 -3.65
CA CYS A 49 -15.47 20.14 -2.36
C CYS A 49 -15.23 21.21 -1.34
N THR A 50 -16.16 21.33 -0.39
CA THR A 50 -16.02 22.34 0.65
C THR A 50 -16.02 21.82 2.09
N THR A 51 -16.02 20.50 2.26
CA THR A 51 -15.95 19.94 3.61
C THR A 51 -14.61 20.40 4.19
N ALA A 52 -14.49 20.36 5.51
CA ALA A 52 -13.28 20.78 6.20
C ALA A 52 -12.05 20.01 5.78
N GLY A 53 -12.20 18.70 5.53
CA GLY A 53 -11.11 17.87 5.09
C GLY A 53 -10.44 18.49 3.84
N CYS A 54 -11.27 18.90 2.87
CA CYS A 54 -10.83 19.53 1.59
C CYS A 54 -10.06 20.81 1.68
N LEU A 55 -10.13 21.44 2.84
CA LEU A 55 -9.49 22.71 3.13
C LEU A 55 -8.02 22.85 2.76
N THR A 56 -7.20 21.96 3.29
CA THR A 56 -5.75 22.01 3.07
C THR A 56 -5.28 21.26 1.82
N LYS A 57 -6.20 20.71 1.04
CA LYS A 57 -5.80 19.87 -0.08
C LYS A 57 -5.62 20.54 -1.42
N HIS A 58 -4.90 19.87 -2.34
CA HIS A 58 -4.72 20.35 -3.72
C HIS A 58 -5.99 19.85 -4.34
N LEU A 59 -6.75 20.76 -4.94
CA LEU A 59 -8.03 20.40 -5.53
C LEU A 59 -7.98 20.36 -7.04
N TYR A 60 -8.84 19.51 -7.60
CA TYR A 60 -8.91 19.30 -9.02
C TYR A 60 -9.98 20.17 -9.68
N ASP A 61 -9.55 20.91 -10.71
CA ASP A 61 -10.43 21.76 -11.44
C ASP A 61 -10.53 21.26 -12.87
N SER A 62 -11.63 20.59 -13.20
CA SER A 62 -11.82 20.06 -14.53
C SER A 62 -11.95 21.10 -15.61
N SER A 63 -12.44 22.29 -15.25
CA SER A 63 -12.63 23.34 -16.25
C SER A 63 -11.28 23.85 -16.77
N LYS A 64 -10.20 23.52 -16.07
CA LYS A 64 -8.87 23.94 -16.45
C LYS A 64 -8.19 22.93 -17.34
N SER A 65 -8.89 21.90 -17.75
CA SER A 65 -8.26 20.87 -18.54
C SER A 65 -9.09 20.54 -19.77
N ARG A 66 -8.47 20.63 -20.94
CA ARG A 66 -9.18 20.36 -22.20
C ARG A 66 -9.55 18.91 -22.41
N THR A 67 -8.69 18.00 -21.93
CA THR A 67 -8.88 16.54 -22.03
C THR A 67 -9.97 15.94 -21.06
N TYR A 68 -10.47 16.77 -20.18
CA TYR A 68 -11.50 16.33 -19.27
C TYR A 68 -12.73 15.89 -20.05
N GLU A 69 -13.32 14.77 -19.66
CA GLU A 69 -14.55 14.30 -20.26
C GLU A 69 -15.48 14.04 -19.11
N LYS A 70 -16.65 14.68 -19.15
CA LYS A 70 -17.68 14.51 -18.12
C LYS A 70 -18.27 13.10 -18.07
N ASP A 71 -18.48 12.63 -16.84
CA ASP A 71 -19.13 11.35 -16.62
C ASP A 71 -20.31 11.65 -15.65
N GLY A 72 -20.00 12.02 -14.41
CA GLY A 72 -21.04 12.36 -13.47
C GLY A 72 -21.63 11.27 -12.60
N THR A 73 -21.50 10.01 -13.02
CA THR A 73 -21.99 8.85 -12.24
C THR A 73 -21.47 8.98 -10.80
N LYS A 74 -22.40 9.04 -9.84
CA LYS A 74 -22.08 9.17 -8.43
C LYS A 74 -21.45 7.89 -7.84
N VAL A 75 -20.43 8.07 -7.03
CA VAL A 75 -19.71 6.95 -6.43
C VAL A 75 -19.49 7.27 -4.98
N GLU A 76 -19.53 6.24 -4.14
CA GLU A 76 -19.30 6.35 -2.70
C GLU A 76 -18.17 5.35 -2.59
N MET A 77 -17.02 5.82 -2.18
CA MET A 77 -15.86 4.98 -2.06
C MET A 77 -15.68 4.61 -0.55
N ASN A 78 -15.98 3.36 -0.21
CA ASN A 78 -15.90 2.86 1.17
C ASN A 78 -14.66 2.04 1.57
N TYR A 79 -13.63 2.66 2.16
CA TYR A 79 -12.47 1.91 2.63
C TYR A 79 -12.81 1.38 4.04
N VAL A 80 -11.96 0.53 4.64
CA VAL A 80 -12.18 0.08 6.03
C VAL A 80 -11.86 1.32 6.91
N SER A 81 -11.01 2.18 6.36
CA SER A 81 -10.57 3.43 6.98
C SER A 81 -11.55 4.62 6.89
N GLY A 82 -12.58 4.55 6.07
CA GLY A 82 -13.47 5.68 5.91
C GLY A 82 -14.07 5.76 4.51
N THR A 83 -14.93 6.75 4.28
CA THR A 83 -15.64 6.90 3.03
C THR A 83 -15.52 8.31 2.44
N VAL A 84 -15.46 8.35 1.11
CA VAL A 84 -15.41 9.61 0.37
C VAL A 84 -16.41 9.40 -0.73
N SER A 85 -17.06 10.46 -1.15
CA SER A 85 -18.09 10.37 -2.17
C SER A 85 -17.88 11.47 -3.24
N GLY A 86 -18.39 11.22 -4.43
CA GLY A 86 -18.26 12.16 -5.51
C GLY A 86 -18.88 11.62 -6.77
N PHE A 87 -18.15 11.71 -7.89
CA PHE A 87 -18.69 11.23 -9.15
C PHE A 87 -17.54 10.91 -10.08
N PHE A 88 -17.82 10.13 -11.09
CA PHE A 88 -16.78 9.77 -12.02
C PHE A 88 -16.52 10.91 -13.00
N SER A 89 -15.26 11.03 -13.44
CA SER A 89 -14.82 12.03 -14.42
C SER A 89 -13.71 11.34 -15.22
N LYS A 90 -13.46 11.79 -16.45
CA LYS A 90 -12.37 11.20 -17.23
C LYS A 90 -11.41 12.32 -17.57
N ASP A 91 -10.12 12.13 -17.34
CA ASP A 91 -9.16 13.18 -17.69
C ASP A 91 -7.81 12.49 -17.83
N LEU A 92 -6.82 13.26 -18.28
CA LEU A 92 -5.48 12.77 -18.45
C LEU A 92 -4.87 12.57 -17.07
N VAL A 93 -4.17 11.47 -16.87
CA VAL A 93 -3.51 11.21 -15.60
C VAL A 93 -2.05 11.03 -15.93
N THR A 94 -1.20 11.67 -15.17
CA THR A 94 0.21 11.59 -15.36
C THR A 94 0.93 10.95 -14.13
N VAL A 95 1.61 9.85 -14.40
CA VAL A 95 2.37 9.10 -13.39
C VAL A 95 3.82 9.03 -13.90
N GLY A 96 4.73 9.71 -13.22
CA GLY A 96 6.12 9.73 -13.64
C GLY A 96 6.19 10.48 -14.94
N ASN A 97 6.73 9.86 -15.98
CA ASN A 97 6.82 10.53 -17.26
C ASN A 97 5.87 10.01 -18.28
N LEU A 98 4.80 9.36 -17.81
CA LEU A 98 3.78 8.79 -18.69
C LEU A 98 2.39 9.36 -18.35
N SER A 99 1.57 9.53 -19.38
CA SER A 99 0.22 10.05 -19.25
C SER A 99 -0.74 9.17 -20.05
N LEU A 100 -1.99 9.16 -19.62
CA LEU A 100 -2.98 8.39 -20.33
C LEU A 100 -4.32 8.91 -19.91
N PRO A 101 -5.32 8.76 -20.76
CA PRO A 101 -6.67 9.23 -20.44
C PRO A 101 -7.10 8.22 -19.34
N TYR A 102 -7.83 8.68 -18.31
CA TYR A 102 -8.19 7.74 -17.25
C TYR A 102 -9.43 8.15 -16.49
N LYS A 103 -10.22 7.15 -16.12
CA LYS A 103 -11.43 7.34 -15.36
C LYS A 103 -11.10 7.29 -13.84
N PHE A 104 -11.47 8.38 -13.14
CA PHE A 104 -11.21 8.55 -11.72
C PHE A 104 -12.41 9.11 -11.00
N ILE A 105 -12.28 9.25 -9.69
CA ILE A 105 -13.37 9.76 -8.86
C ILE A 105 -13.00 11.15 -8.37
N GLU A 106 -13.90 12.09 -8.67
CA GLU A 106 -13.79 13.47 -8.26
C GLU A 106 -14.65 13.46 -6.98
N VAL A 107 -13.98 13.69 -5.86
CA VAL A 107 -14.57 13.65 -4.53
C VAL A 107 -15.04 15.00 -4.06
N ILE A 108 -16.32 15.06 -3.68
CA ILE A 108 -16.91 16.29 -3.18
C ILE A 108 -17.32 16.26 -1.67
N ASP A 109 -17.38 15.06 -1.11
CA ASP A 109 -17.74 14.87 0.29
C ASP A 109 -16.75 13.90 1.00
N THR A 110 -16.02 14.41 1.99
CA THR A 110 -15.06 13.61 2.75
C THR A 110 -15.44 13.59 4.25
N ASN A 111 -16.71 13.84 4.58
CA ASN A 111 -17.14 13.87 5.98
C ASN A 111 -16.93 12.52 6.60
N GLY A 112 -17.24 11.49 5.80
CA GLY A 112 -17.06 10.12 6.25
C GLY A 112 -15.62 9.63 6.30
N PHE A 113 -14.65 10.54 6.17
CA PHE A 113 -13.24 10.20 6.19
C PHE A 113 -12.54 11.19 7.12
N GLU A 114 -13.33 11.90 7.93
CA GLU A 114 -12.80 12.84 8.91
C GLU A 114 -13.10 12.33 10.36
N PRO A 115 -12.25 12.71 11.33
CA PRO A 115 -11.05 13.56 11.18
C PRO A 115 -9.80 12.98 10.50
N THR A 116 -9.83 11.78 9.91
CA THR A 116 -8.61 11.26 9.31
C THR A 116 -8.06 12.13 8.20
N TYR A 117 -8.89 12.47 7.22
CA TYR A 117 -8.49 13.30 6.08
C TYR A 117 -7.94 14.68 6.46
N THR A 118 -8.58 15.29 7.45
CA THR A 118 -8.18 16.59 7.97
C THR A 118 -6.78 16.50 8.53
N ALA A 119 -6.42 15.36 9.11
CA ALA A 119 -5.08 15.19 9.67
C ALA A 119 -4.16 14.33 8.81
N SER A 120 -4.25 14.52 7.49
CA SER A 120 -3.49 13.80 6.46
C SER A 120 -2.76 14.80 5.56
N THR A 121 -1.65 14.41 4.96
CA THR A 121 -0.92 15.28 4.06
C THR A 121 -1.20 14.91 2.62
N PHE A 122 -1.76 13.72 2.41
CA PHE A 122 -2.06 13.27 1.06
C PHE A 122 -3.37 13.88 0.56
N ASP A 123 -3.47 13.98 -0.78
CA ASP A 123 -4.66 14.51 -1.41
C ASP A 123 -5.60 13.42 -1.76
N GLY A 124 -5.07 12.35 -2.32
CA GLY A 124 -6.00 11.32 -2.68
C GLY A 124 -5.37 9.96 -2.58
N ILE A 125 -6.09 8.99 -3.10
CA ILE A 125 -5.56 7.65 -3.12
C ILE A 125 -5.50 7.14 -4.56
N LEU A 126 -4.42 6.42 -4.89
CA LEU A 126 -4.23 5.83 -6.22
C LEU A 126 -4.10 4.31 -6.06
N GLY A 127 -5.14 3.58 -6.43
CA GLY A 127 -5.16 2.14 -6.33
C GLY A 127 -4.31 1.46 -7.38
N LEU A 128 -3.70 0.33 -7.02
CA LEU A 128 -2.83 -0.46 -7.91
C LEU A 128 -3.15 -1.98 -7.85
N GLY A 129 -4.42 -2.31 -7.58
CA GLY A 129 -4.87 -3.68 -7.50
C GLY A 129 -5.38 -4.16 -8.85
N TRP A 130 -6.21 -5.18 -8.83
CA TRP A 130 -6.73 -5.71 -10.05
C TRP A 130 -8.06 -5.05 -10.39
N LYS A 131 -8.40 -5.08 -11.66
CA LYS A 131 -9.63 -4.48 -12.15
C LYS A 131 -10.88 -4.83 -11.34
N ASP A 132 -11.01 -6.11 -10.94
CA ASP A 132 -12.20 -6.51 -10.17
C ASP A 132 -12.31 -5.98 -8.75
N LEU A 133 -11.23 -5.39 -8.28
CA LEU A 133 -11.22 -4.79 -6.99
C LEU A 133 -11.74 -3.35 -7.14
N SER A 134 -12.01 -2.89 -8.35
CA SER A 134 -12.48 -1.51 -8.50
C SER A 134 -13.99 -1.25 -8.59
N ILE A 135 -14.36 -0.04 -8.22
CA ILE A 135 -15.73 0.39 -8.39
C ILE A 135 -15.67 1.02 -9.81
N GLY A 136 -16.63 0.67 -10.64
CA GLY A 136 -16.66 1.24 -11.98
C GLY A 136 -15.95 0.46 -13.08
N SER A 137 -15.46 -0.74 -12.75
CA SER A 137 -14.76 -1.62 -13.67
C SER A 137 -13.67 -0.89 -14.42
N VAL A 138 -12.80 -0.21 -13.68
CA VAL A 138 -11.71 0.57 -14.25
C VAL A 138 -10.48 -0.28 -14.47
N ASP A 139 -10.03 -0.32 -15.72
CA ASP A 139 -8.83 -1.10 -16.01
C ASP A 139 -7.66 -0.51 -15.31
N PRO A 140 -6.82 -1.35 -14.67
CA PRO A 140 -5.65 -0.85 -13.97
C PRO A 140 -4.80 0.06 -14.83
N ILE A 141 -4.22 1.08 -14.21
CA ILE A 141 -3.38 2.06 -14.91
C ILE A 141 -2.25 1.34 -15.60
N VAL A 142 -1.57 0.42 -14.89
CA VAL A 142 -0.45 -0.30 -15.46
C VAL A 142 -0.83 -1.21 -16.62
N VAL A 143 -2.02 -1.81 -16.57
CA VAL A 143 -2.47 -2.70 -17.64
C VAL A 143 -2.70 -1.83 -18.89
N GLU A 144 -3.28 -0.63 -18.69
CA GLU A 144 -3.55 0.32 -19.78
C GLU A 144 -2.27 0.78 -20.45
N LEU A 145 -1.34 1.30 -19.67
CA LEU A 145 -0.10 1.76 -20.20
C LEU A 145 0.51 0.68 -21.07
N LYS A 146 0.40 -0.56 -20.61
CA LYS A 146 0.95 -1.68 -21.34
C LYS A 146 0.17 -1.85 -22.63
N ASN A 147 -1.15 -1.80 -22.55
CA ASN A 147 -1.97 -1.94 -23.74
C ASN A 147 -1.62 -0.83 -24.75
N GLN A 148 -1.24 0.33 -24.26
CA GLN A 148 -0.93 1.49 -25.12
C GLN A 148 0.52 1.57 -25.57
N ASN A 149 1.26 0.55 -25.19
CA ASN A 149 2.65 0.41 -25.54
C ASN A 149 3.57 1.43 -24.91
N LYS A 150 3.15 2.03 -23.80
CA LYS A 150 4.00 3.02 -23.16
C LYS A 150 5.03 2.40 -22.23
N ILE A 151 4.79 1.14 -21.82
CA ILE A 151 5.71 0.41 -20.95
C ILE A 151 6.05 -0.95 -21.52
N GLU A 152 7.19 -1.46 -21.07
CA GLU A 152 7.75 -2.74 -21.48
C GLU A 152 6.86 -3.93 -21.01
N ASN A 153 6.50 -3.94 -19.74
CA ASN A 153 5.71 -5.06 -19.23
C ASN A 153 4.57 -4.57 -18.36
N ALA A 154 3.48 -5.31 -18.26
CA ALA A 154 2.38 -4.91 -17.36
C ALA A 154 2.73 -5.36 -15.92
N LEU A 155 3.70 -4.67 -15.32
CA LEU A 155 4.14 -4.92 -13.95
C LEU A 155 4.65 -3.61 -13.36
N PHE A 156 4.71 -3.55 -12.02
CA PHE A 156 5.24 -2.40 -11.28
C PHE A 156 5.93 -3.04 -10.07
N THR A 157 6.86 -2.34 -9.47
CA THR A 157 7.59 -2.82 -8.35
C THR A 157 7.63 -1.74 -7.28
N PHE A 158 7.81 -2.13 -6.02
CA PHE A 158 7.90 -1.19 -4.92
C PHE A 158 9.19 -1.33 -4.18
N TYR A 159 9.94 -0.24 -4.11
CA TYR A 159 11.18 -0.19 -3.39
C TYR A 159 10.80 0.87 -2.34
N LEU A 160 10.36 0.42 -1.16
CA LEU A 160 9.93 1.38 -0.14
C LEU A 160 11.04 2.17 0.50
N PRO A 161 10.77 3.47 0.75
CA PRO A 161 11.76 4.35 1.39
C PRO A 161 12.02 3.89 2.83
N VAL A 162 13.22 4.09 3.31
CA VAL A 162 13.46 3.71 4.67
C VAL A 162 13.82 4.98 5.44
N HIS A 163 12.92 5.34 6.37
CA HIS A 163 13.07 6.53 7.20
C HIS A 163 14.50 6.66 7.63
N ASP A 164 15.11 7.78 7.29
CA ASP A 164 16.50 8.02 7.62
C ASP A 164 17.38 7.50 6.50
N LYS A 165 17.42 6.18 6.28
CA LYS A 165 18.35 5.73 5.24
C LYS A 165 18.17 6.10 3.78
N HIS A 166 16.97 6.02 3.20
CA HIS A 166 16.88 6.37 1.78
C HIS A 166 15.46 6.56 1.26
N THR A 167 15.32 7.11 0.04
CA THR A 167 14.00 7.27 -0.62
C THR A 167 13.58 5.96 -1.31
N GLY A 168 12.37 5.95 -1.81
CA GLY A 168 11.86 4.77 -2.47
C GLY A 168 11.42 5.09 -3.87
N PHE A 169 10.89 4.08 -4.54
CA PHE A 169 10.44 4.22 -5.88
C PHE A 169 9.36 3.25 -6.23
N LEU A 170 8.32 3.78 -6.88
CA LEU A 170 7.28 2.95 -7.46
C LEU A 170 7.86 2.91 -8.91
N THR A 171 8.21 1.73 -9.43
CA THR A 171 8.74 1.63 -10.79
C THR A 171 7.77 0.88 -11.67
N ILE A 172 7.31 1.55 -12.72
CA ILE A 172 6.38 0.98 -13.68
C ILE A 172 7.01 0.49 -15.00
N GLY A 173 6.69 -0.75 -15.37
CA GLY A 173 7.18 -1.27 -16.63
C GLY A 173 8.26 -2.32 -16.68
N GLY A 174 9.04 -2.46 -15.62
CA GLY A 174 10.12 -3.42 -15.63
C GLY A 174 10.77 -3.50 -14.28
N ILE A 175 11.57 -4.55 -14.13
CA ILE A 175 12.26 -4.82 -12.87
C ILE A 175 13.70 -4.34 -12.87
N GLU A 176 14.08 -3.53 -11.89
CA GLU A 176 15.45 -3.03 -11.81
C GLU A 176 16.26 -3.65 -10.66
N GLU A 177 17.34 -4.34 -11.06
CA GLU A 177 18.22 -5.02 -10.12
C GLU A 177 18.85 -4.06 -9.10
N ARG A 178 18.90 -2.76 -9.42
CA ARG A 178 19.49 -1.79 -8.49
C ARG A 178 18.74 -1.83 -7.13
N PHE A 179 17.51 -2.29 -7.15
CA PHE A 179 16.67 -2.32 -5.95
C PHE A 179 16.74 -3.54 -5.04
N TYR A 180 17.28 -4.66 -5.50
CA TYR A 180 17.30 -5.85 -4.65
C TYR A 180 18.58 -6.67 -4.75
N GLU A 181 18.72 -7.65 -3.85
CA GLU A 181 19.88 -8.50 -3.83
C GLU A 181 19.43 -9.92 -3.55
N GLY A 182 20.24 -10.90 -3.94
CA GLY A 182 19.84 -12.29 -3.74
C GLY A 182 18.79 -12.60 -4.78
N PRO A 183 18.10 -13.74 -4.69
CA PRO A 183 17.08 -14.09 -5.69
C PRO A 183 15.72 -13.39 -5.58
N LEU A 184 15.02 -13.40 -6.70
CA LEU A 184 13.69 -12.86 -6.78
C LEU A 184 12.82 -14.10 -7.01
N THR A 185 11.97 -14.40 -6.03
CA THR A 185 11.12 -15.58 -6.09
C THR A 185 9.71 -15.17 -6.33
N TYR A 186 9.04 -15.84 -7.24
CA TYR A 186 7.67 -15.52 -7.54
C TYR A 186 6.71 -16.44 -6.82
N GLU A 187 5.60 -15.84 -6.43
CA GLU A 187 4.51 -16.55 -5.74
C GLU A 187 3.28 -16.20 -6.55
N LYS A 188 2.61 -17.23 -7.03
CA LYS A 188 1.42 -17.10 -7.85
C LYS A 188 0.23 -16.52 -7.10
N LEU A 189 -0.49 -15.62 -7.75
CA LEU A 189 -1.64 -15.02 -7.13
C LEU A 189 -2.67 -16.11 -7.00
N ASN A 190 -3.36 -16.20 -5.88
CA ASN A 190 -4.39 -17.22 -5.87
C ASN A 190 -5.67 -16.72 -6.57
N HIS A 191 -5.81 -15.38 -6.70
CA HIS A 191 -6.97 -14.77 -7.37
C HIS A 191 -6.58 -13.42 -7.94
N ASP A 192 -7.29 -13.03 -9.00
CA ASP A 192 -7.05 -11.73 -9.64
C ASP A 192 -7.94 -10.64 -8.99
N LEU A 193 -7.66 -10.31 -7.74
CA LEU A 193 -8.41 -9.29 -6.99
C LEU A 193 -7.36 -8.47 -6.26
N TYR A 194 -6.98 -8.91 -5.04
CA TYR A 194 -5.89 -8.27 -4.29
C TYR A 194 -4.65 -8.98 -4.80
N TRP A 195 -3.50 -8.47 -4.41
CA TRP A 195 -2.25 -9.11 -4.77
C TRP A 195 -2.07 -10.08 -3.59
N GLN A 196 -2.86 -11.13 -3.63
CA GLN A 196 -2.90 -12.14 -2.57
C GLN A 196 -2.31 -13.47 -3.01
N ILE A 197 -1.44 -13.99 -2.18
CA ILE A 197 -0.77 -15.25 -2.43
C ILE A 197 -0.99 -16.16 -1.21
N THR A 198 -0.63 -17.43 -1.35
CA THR A 198 -0.80 -18.39 -0.27
C THR A 198 0.54 -18.75 0.32
N LEU A 199 0.73 -18.53 1.62
CA LEU A 199 1.97 -18.90 2.29
C LEU A 199 1.67 -19.54 3.66
N ASP A 200 2.55 -20.42 4.12
CA ASP A 200 2.39 -21.00 5.46
C ASP A 200 2.98 -19.94 6.39
N ALA A 201 2.23 -19.57 7.43
CA ALA A 201 2.69 -18.56 8.35
C ALA A 201 3.17 -19.23 9.64
N HIS A 202 4.33 -18.86 10.09
CA HIS A 202 4.74 -19.45 11.33
C HIS A 202 5.43 -18.45 12.26
N VAL A 203 5.12 -18.55 13.55
CA VAL A 203 5.74 -17.68 14.56
C VAL A 203 5.86 -18.49 15.83
N GLY A 204 7.09 -18.80 16.20
CA GLY A 204 7.32 -19.55 17.41
C GLY A 204 6.78 -20.97 17.26
N ASN A 205 5.72 -21.28 17.97
CA ASN A 205 5.12 -22.61 17.91
C ASN A 205 4.00 -22.66 16.93
N ILE A 206 3.23 -21.59 16.88
CA ILE A 206 2.07 -21.54 16.05
C ILE A 206 2.38 -21.60 14.59
N SER A 207 1.49 -22.25 13.87
CA SER A 207 1.65 -22.35 12.46
C SER A 207 0.25 -22.33 11.85
N LEU A 208 0.12 -21.63 10.74
CA LEU A 208 -1.11 -21.49 10.02
C LEU A 208 -0.73 -21.86 8.61
N GLU A 209 -1.18 -23.04 8.24
CA GLU A 209 -0.92 -23.61 6.95
C GLU A 209 -1.69 -22.89 5.85
N LYS A 210 -0.99 -22.57 4.76
CA LYS A 210 -1.61 -21.97 3.59
C LYS A 210 -2.51 -20.79 3.90
N ALA A 211 -1.94 -19.81 4.61
CA ALA A 211 -2.65 -18.60 4.99
C ALA A 211 -2.72 -17.69 3.73
N ASN A 212 -3.82 -16.97 3.58
CA ASN A 212 -3.97 -16.03 2.46
C ASN A 212 -3.21 -14.80 2.99
N CYS A 213 -2.30 -14.28 2.16
CA CYS A 213 -1.47 -13.13 2.49
C CYS A 213 -1.64 -12.07 1.39
N ILE A 214 -2.11 -10.89 1.80
CA ILE A 214 -2.34 -9.72 0.93
C ILE A 214 -1.15 -8.79 1.05
N VAL A 215 -0.47 -8.56 -0.07
CA VAL A 215 0.72 -7.68 -0.08
C VAL A 215 0.13 -6.28 -0.35
N ASP A 216 0.07 -5.46 0.71
CA ASP A 216 -0.56 -4.15 0.66
C ASP A 216 0.33 -2.98 1.02
N SER A 217 0.69 -2.19 0.00
CA SER A 217 1.51 -0.99 0.22
C SER A 217 0.71 0.06 1.04
N GLY A 218 -0.62 -0.07 1.01
CA GLY A 218 -1.50 0.86 1.69
C GLY A 218 -1.80 0.60 3.15
N THR A 219 -1.31 -0.52 3.70
CA THR A 219 -1.52 -0.88 5.12
C THR A 219 -0.21 -0.56 5.80
N SER A 220 -0.21 0.24 6.85
CA SER A 220 1.05 0.57 7.47
C SER A 220 1.58 -0.41 8.57
N ALA A 221 0.90 -1.53 8.72
CA ALA A 221 1.26 -2.49 9.74
C ALA A 221 1.17 -3.91 9.21
N ILE A 222 1.62 -4.88 10.03
CA ILE A 222 1.40 -6.27 9.67
C ILE A 222 0.07 -6.68 10.38
N THR A 223 -0.89 -7.25 9.67
CA THR A 223 -2.10 -7.71 10.33
C THR A 223 -2.09 -9.25 10.42
N VAL A 224 -2.58 -9.74 11.55
CA VAL A 224 -2.58 -11.15 11.92
C VAL A 224 -4.00 -11.56 12.41
N PRO A 225 -4.45 -12.81 12.08
CA PRO A 225 -5.78 -13.22 12.58
C PRO A 225 -5.65 -13.15 14.12
N THR A 226 -6.72 -12.77 14.80
CA THR A 226 -6.65 -12.60 16.25
C THR A 226 -6.28 -13.87 17.04
N ASP A 227 -6.85 -15.00 16.64
CA ASP A 227 -6.56 -16.31 17.25
C ASP A 227 -5.06 -16.62 17.28
N PHE A 228 -4.41 -16.42 16.14
CA PHE A 228 -2.98 -16.64 15.94
C PHE A 228 -2.25 -15.65 16.79
N LEU A 229 -2.76 -14.42 16.79
CA LEU A 229 -2.14 -13.38 17.58
C LEU A 229 -2.29 -13.76 19.07
N ASN A 230 -3.44 -14.28 19.45
CA ASN A 230 -3.64 -14.66 20.85
C ASN A 230 -2.61 -15.72 21.27
N LYS A 231 -2.40 -16.72 20.41
CA LYS A 231 -1.44 -17.78 20.69
C LYS A 231 -0.02 -17.32 20.79
N MET A 232 0.39 -16.32 20.03
CA MET A 232 1.79 -15.88 20.11
C MET A 232 2.14 -14.93 21.25
N LEU A 233 1.14 -14.22 21.78
CA LEU A 233 1.39 -13.27 22.88
C LEU A 233 1.45 -13.87 24.30
N GLN A 234 1.04 -15.13 24.41
CA GLN A 234 1.07 -15.88 25.68
C GLN A 234 2.47 -15.87 26.21
N ASN A 235 2.63 -15.22 27.34
CA ASN A 235 3.90 -15.10 28.01
C ASN A 235 5.00 -14.28 27.35
N LEU A 236 4.77 -13.74 26.15
CA LEU A 236 5.79 -12.88 25.53
C LEU A 236 5.68 -11.67 26.41
N ASP A 237 6.74 -10.96 26.65
CA ASP A 237 6.51 -9.84 27.54
C ASP A 237 6.04 -8.66 26.70
N VAL A 238 4.85 -8.85 26.11
CA VAL A 238 4.16 -7.91 25.20
C VAL A 238 2.79 -7.50 25.76
N ILE A 239 2.62 -6.21 26.05
CA ILE A 239 1.38 -5.71 26.64
C ILE A 239 0.43 -5.03 25.69
N LYS A 240 -0.83 -5.36 25.78
CA LYS A 240 -1.85 -4.77 24.96
C LYS A 240 -2.48 -3.65 25.74
N VAL A 241 -2.57 -2.47 25.14
CA VAL A 241 -3.23 -1.35 25.79
C VAL A 241 -4.67 -1.68 25.43
N PRO A 242 -5.53 -1.93 26.43
CA PRO A 242 -6.91 -2.26 26.07
C PRO A 242 -7.66 -1.22 25.24
N PHE A 243 -8.70 -1.69 24.56
CA PHE A 243 -9.57 -0.89 23.73
C PHE A 243 -8.90 -0.41 22.44
N LEU A 244 -7.67 0.01 22.57
CA LEU A 244 -6.84 0.52 21.48
C LEU A 244 -6.03 -0.69 20.94
N PRO A 245 -5.68 -0.68 19.63
CA PRO A 245 -4.93 -1.77 18.99
C PRO A 245 -3.43 -1.87 19.23
N PHE A 246 -2.92 -1.13 20.20
CA PHE A 246 -1.50 -1.06 20.55
C PHE A 246 -0.95 -2.17 21.45
N TYR A 247 0.14 -2.76 20.99
CA TYR A 247 0.85 -3.78 21.71
C TYR A 247 2.17 -3.13 21.95
N VAL A 248 2.59 -3.05 23.20
CA VAL A 248 3.87 -2.43 23.48
C VAL A 248 4.80 -3.40 24.15
N THR A 249 6.09 -3.12 24.10
CA THR A 249 7.07 -4.02 24.66
C THR A 249 8.35 -3.29 24.78
N LEU A 250 9.24 -3.82 25.60
CA LEU A 250 10.57 -3.26 25.77
C LEU A 250 11.27 -3.54 24.44
N CYS A 251 12.00 -2.56 23.91
CA CYS A 251 12.66 -2.71 22.62
C CYS A 251 13.68 -3.82 22.62
N ASN A 252 14.08 -4.24 23.82
CA ASN A 252 15.08 -5.31 23.95
C ASN A 252 14.50 -6.65 24.42
N ASN A 253 13.18 -6.76 24.42
CA ASN A 253 12.49 -7.98 24.83
C ASN A 253 13.08 -9.10 23.98
N SER A 254 13.95 -9.90 24.59
CA SER A 254 14.58 -11.00 23.87
C SER A 254 13.62 -12.12 23.41
N LYS A 255 12.42 -12.18 24.00
CA LYS A 255 11.42 -13.20 23.65
C LYS A 255 10.68 -12.97 22.33
N LEU A 256 10.91 -11.82 21.70
CA LEU A 256 10.22 -11.49 20.47
C LEU A 256 10.59 -12.45 19.32
N PRO A 257 9.58 -13.08 18.73
CA PRO A 257 9.68 -14.04 17.61
C PRO A 257 9.80 -13.39 16.21
N THR A 258 10.20 -14.21 15.24
CA THR A 258 10.39 -13.81 13.84
C THR A 258 9.25 -14.44 13.11
N PHE A 259 8.54 -13.65 12.30
CA PHE A 259 7.42 -14.20 11.54
C PHE A 259 8.07 -14.95 10.42
N GLU A 260 7.47 -16.05 9.96
CA GLU A 260 8.08 -16.80 8.88
C GLU A 260 7.00 -17.13 7.93
N PHE A 261 7.20 -16.73 6.67
CA PHE A 261 6.19 -16.98 5.63
C PHE A 261 6.90 -17.83 4.59
N THR A 262 6.32 -18.98 4.30
CA THR A 262 7.00 -19.90 3.41
C THR A 262 6.13 -20.53 2.34
N SER A 263 6.79 -20.87 1.23
CA SER A 263 6.18 -21.54 0.09
C SER A 263 7.26 -22.53 -0.32
N GLU A 264 7.01 -23.32 -1.36
CA GLU A 264 8.07 -24.21 -1.83
C GLU A 264 9.14 -23.45 -2.59
N ASN A 265 8.92 -22.14 -2.80
CA ASN A 265 9.87 -21.31 -3.51
C ASN A 265 10.75 -20.40 -2.67
N GLY A 266 10.25 -19.93 -1.53
CA GLY A 266 11.07 -19.04 -0.74
C GLY A 266 10.60 -19.00 0.70
N LYS A 267 11.41 -18.42 1.56
CA LYS A 267 11.04 -18.25 2.96
C LYS A 267 11.34 -16.80 3.29
N TYR A 268 10.27 -16.08 3.63
CA TYR A 268 10.38 -14.66 3.95
C TYR A 268 10.16 -14.48 5.42
N THR A 269 11.09 -13.81 6.05
CA THR A 269 10.99 -13.58 7.48
C THR A 269 10.90 -12.09 7.86
N LEU A 270 10.35 -11.87 9.05
CA LEU A 270 10.23 -10.53 9.60
C LEU A 270 10.60 -10.61 11.08
N GLU A 271 11.86 -10.28 11.33
CA GLU A 271 12.47 -10.27 12.65
C GLU A 271 11.88 -9.08 13.43
N PRO A 272 12.15 -9.00 14.74
CA PRO A 272 11.66 -7.90 15.59
C PRO A 272 12.08 -6.48 15.14
N GLU A 273 13.29 -6.33 14.60
CA GLU A 273 13.75 -5.01 14.14
C GLU A 273 12.91 -4.43 13.00
N TYR A 274 12.18 -5.28 12.29
CA TYR A 274 11.34 -4.84 11.20
C TYR A 274 9.95 -4.54 11.64
N TYR A 275 9.52 -5.08 12.77
CA TYR A 275 8.16 -4.79 13.21
C TYR A 275 8.03 -3.99 14.51
N LEU A 276 9.13 -3.57 15.09
CA LEU A 276 9.09 -2.78 16.32
C LEU A 276 9.26 -1.32 15.96
N GLN A 277 8.29 -0.52 16.31
CA GLN A 277 8.35 0.90 16.05
C GLN A 277 8.82 1.46 17.39
N HIS A 278 9.21 2.73 17.43
CA HIS A 278 9.70 3.42 18.64
C HIS A 278 11.20 3.48 18.68
N ILE A 279 11.78 2.82 19.68
CA ILE A 279 13.20 2.76 19.93
C ILE A 279 13.62 4.08 20.64
N GLU A 280 13.90 3.97 21.94
CA GLU A 280 14.28 5.06 22.87
C GLU A 280 13.05 5.93 23.16
N ASP A 281 11.91 5.30 23.42
CA ASP A 281 10.68 6.04 23.64
C ASP A 281 10.44 6.60 25.04
N VAL A 282 9.17 6.61 25.47
CA VAL A 282 8.75 7.16 26.77
C VAL A 282 9.40 6.42 27.94
N GLY A 283 10.10 7.19 28.77
CA GLY A 283 10.76 6.62 29.93
C GLY A 283 11.99 5.82 29.57
N PRO A 284 11.90 4.49 29.45
CA PRO A 284 13.11 3.74 29.09
C PRO A 284 13.25 3.52 27.57
N GLY A 285 12.93 2.30 27.13
CA GLY A 285 13.01 1.92 25.74
C GLY A 285 11.77 1.13 25.45
N LEU A 286 10.63 1.81 25.47
CA LEU A 286 9.37 1.17 25.17
C LEU A 286 9.23 1.18 23.63
N CYS A 287 8.67 0.11 23.08
CA CYS A 287 8.52 -0.02 21.66
C CYS A 287 7.16 -0.49 21.44
N MET A 288 6.60 -0.14 20.32
CA MET A 288 5.28 -0.67 20.04
C MET A 288 5.47 -1.61 18.85
N LEU A 289 4.67 -2.66 18.77
CA LEU A 289 4.74 -3.62 17.68
C LEU A 289 3.85 -3.09 16.59
N ASN A 290 4.40 -2.95 15.38
CA ASN A 290 3.62 -2.48 14.27
C ASN A 290 2.82 -3.64 13.71
N ILE A 291 1.98 -4.21 14.58
CA ILE A 291 1.17 -5.36 14.29
C ILE A 291 -0.16 -5.21 14.94
N ILE A 292 -1.23 -5.68 14.31
CA ILE A 292 -2.53 -5.60 14.92
C ILE A 292 -3.25 -6.86 14.49
N GLY A 293 -4.27 -7.26 15.26
CA GLY A 293 -5.02 -8.46 14.96
C GLY A 293 -6.16 -8.04 14.08
N LEU A 294 -6.55 -8.85 13.10
CA LEU A 294 -7.63 -8.50 12.22
C LEU A 294 -8.06 -9.80 11.61
N ASP A 295 -9.38 -10.04 11.60
CA ASP A 295 -9.94 -11.25 11.11
C ASP A 295 -10.74 -11.12 9.89
N PHE A 296 -10.44 -11.97 8.93
CA PHE A 296 -11.16 -12.01 7.68
C PHE A 296 -11.90 -13.32 7.78
N PRO A 297 -12.81 -13.60 6.83
CA PRO A 297 -13.60 -14.83 6.77
C PRO A 297 -12.68 -16.07 6.79
N VAL A 298 -11.55 -15.96 6.10
CA VAL A 298 -10.55 -17.02 6.11
C VAL A 298 -9.30 -16.32 6.63
N PRO A 299 -8.54 -17.01 7.47
CA PRO A 299 -7.30 -16.53 8.10
C PRO A 299 -6.40 -15.81 7.06
N THR A 300 -6.15 -14.54 7.30
CA THR A 300 -5.38 -13.72 6.39
C THR A 300 -4.39 -12.88 7.12
N PHE A 301 -3.26 -12.67 6.48
CA PHE A 301 -2.19 -11.81 6.97
C PHE A 301 -2.11 -10.68 5.95
N ILE A 302 -2.01 -9.42 6.39
CA ILE A 302 -1.78 -8.34 5.43
C ILE A 302 -0.32 -7.99 5.63
N LEU A 303 0.45 -8.25 4.59
CA LEU A 303 1.86 -7.97 4.58
C LEU A 303 1.92 -6.52 4.07
N GLY A 304 1.83 -5.59 5.03
CA GLY A 304 1.83 -4.18 4.74
C GLY A 304 3.19 -3.61 4.68
N ASP A 305 3.31 -2.31 4.87
CA ASP A 305 4.60 -1.66 4.77
C ASP A 305 5.78 -2.23 5.54
N PRO A 306 5.57 -2.70 6.79
CA PRO A 306 6.77 -3.22 7.45
C PRO A 306 7.45 -4.37 6.66
N PHE A 307 6.66 -5.17 5.95
CA PHE A 307 7.19 -6.29 5.16
C PHE A 307 7.90 -5.78 3.89
N MET A 308 7.23 -4.85 3.20
CA MET A 308 7.69 -4.24 1.97
C MET A 308 8.91 -3.38 2.18
N ARG A 309 9.10 -2.87 3.41
CA ARG A 309 10.31 -2.09 3.71
C ARG A 309 11.53 -3.02 3.69
N LYS A 310 11.34 -4.25 4.15
CA LYS A 310 12.41 -5.26 4.12
C LYS A 310 12.56 -5.86 2.70
N TYR A 311 11.42 -6.24 2.13
CA TYR A 311 11.36 -6.88 0.82
C TYR A 311 10.88 -6.06 -0.39
N PHE A 312 11.72 -6.05 -1.44
CA PHE A 312 11.42 -5.43 -2.71
C PHE A 312 10.32 -6.34 -3.28
N THR A 313 9.31 -5.75 -3.90
CA THR A 313 8.21 -6.52 -4.37
C THR A 313 7.90 -6.20 -5.82
N VAL A 314 7.48 -7.20 -6.57
CA VAL A 314 7.17 -7.04 -7.97
C VAL A 314 5.74 -7.47 -8.16
N PHE A 315 4.95 -6.64 -8.86
CA PHE A 315 3.55 -6.95 -9.06
C PHE A 315 3.38 -7.13 -10.55
N ASP A 316 3.14 -8.38 -10.94
CA ASP A 316 3.10 -8.78 -12.33
C ASP A 316 1.74 -9.19 -12.80
N TYR A 317 1.14 -8.34 -13.63
CA TYR A 317 -0.18 -8.62 -14.15
C TYR A 317 -0.11 -9.66 -15.25
N ASP A 318 0.92 -9.58 -16.08
CA ASP A 318 1.03 -10.53 -17.20
C ASP A 318 1.16 -11.97 -16.71
N ASN A 319 1.93 -12.16 -15.65
CA ASN A 319 2.16 -13.47 -15.09
C ASN A 319 1.37 -13.80 -13.84
N HIS A 320 0.50 -12.89 -13.41
CA HIS A 320 -0.36 -13.08 -12.24
C HIS A 320 0.43 -13.60 -11.04
N SER A 321 1.43 -12.85 -10.61
CA SER A 321 2.26 -13.27 -9.50
C SER A 321 2.88 -12.08 -8.81
N VAL A 322 3.45 -12.33 -7.63
CA VAL A 322 4.12 -11.32 -6.85
C VAL A 322 5.51 -11.90 -6.70
N GLY A 323 6.54 -11.13 -7.05
CA GLY A 323 7.93 -11.53 -6.92
C GLY A 323 8.41 -10.83 -5.68
N ILE A 324 9.23 -11.53 -4.90
CA ILE A 324 9.75 -10.99 -3.65
C ILE A 324 11.27 -11.14 -3.60
N ALA A 325 12.00 -10.09 -3.19
CA ALA A 325 13.45 -10.14 -3.09
C ALA A 325 13.85 -9.28 -1.92
N LEU A 326 15.02 -9.55 -1.36
CA LEU A 326 15.54 -8.73 -0.29
C LEU A 326 15.87 -7.34 -0.88
N ALA A 327 15.33 -6.29 -0.29
CA ALA A 327 15.60 -4.95 -0.77
C ALA A 327 17.00 -4.57 -0.43
N LYS A 328 17.67 -3.86 -1.34
CA LYS A 328 18.98 -3.34 -1.03
C LYS A 328 18.85 -2.28 0.09
N LYS A 329 19.72 -2.38 1.06
CA LYS A 329 19.72 -1.49 2.20
C LYS A 329 19.87 -0.02 1.82
N ASN A 330 20.64 0.26 0.77
CA ASN A 330 20.79 1.65 0.34
C ASN A 330 21.03 1.78 -1.16
N LEU A 331 20.54 2.88 -1.73
CA LEU A 331 20.70 3.17 -3.15
C LEU A 331 22.09 3.78 -3.41
#